data_2ZIO
#
_entry.id   2ZIO
#
_cell.length_a   104.150
_cell.length_b   104.150
_cell.length_c   71.060
_cell.angle_alpha   90.00
_cell.angle_beta   90.00
_cell.angle_gamma   120.00
#
_symmetry.space_group_name_H-M   'P 64'
#
loop_
_entity.id
_entity.type
_entity.pdbx_description
1 polymer 'Pyrrolysyl-tRNA synthetase'
2 non-polymer 'IMIDODIPHOSPHORIC ACID'
3 non-polymer "5'-O-[(S)-({(2S)-2-amino-6-[(propoxycarbonyl)amino]hexanoyl}oxy)(hydroxy)phosphoryl]adenosine"
4 water water
#
_entity_poly.entity_id   1
_entity_poly.type   'polypeptide(L)'
_entity_poly.pdbx_seq_one_letter_code
;MGSSHHHHHHSSGLVPRGSHMASAPALTKSQTDRLEVLLNPKDEISLNSGKPFRELESELLSRRKKDLQQIYAEERENYL
GKLEREITRFFVDRGFLEIKSPILIPLEYIERMGIDNDTELSKQIFRVDKNFCLRPMLAPNLYNYLRKLDRALPDPIKIF
EIGPCYRKESDGKEHLEEFTMLNFCQMGSGCTRENLESIITDFLNHLGIDFKIVGDSCMVYGDTLDVMHGDLELSSAVVG
PIPLDREWGIDKPWIGAGFGLERLLKVKHDFKNIKRAARSGSYYNGISTNL
;
_entity_poly.pdbx_strand_id   A
#
loop_
_chem_comp.id
_chem_comp.type
_chem_comp.name
_chem_comp.formula
2PN non-polymer 'IMIDODIPHOSPHORIC ACID' 'H5 N O6 P2'
AYB non-polymer 5'-O-[(S)-({(2S)-2-amino-6-[(propoxycarbonyl)amino]hexanoyl}oxy)(hydroxy)phosphoryl]adenosine 'C20 H32 N7 O10 P'
#
# COMPACT_ATOMS: atom_id res chain seq x y z
N PRO A 25 38.33 -17.11 -0.26
CA PRO A 25 38.55 -15.90 -1.09
C PRO A 25 37.21 -15.33 -1.54
N ALA A 26 36.59 -16.01 -2.51
CA ALA A 26 35.30 -15.59 -3.02
C ALA A 26 34.20 -15.95 -2.03
N LEU A 27 33.23 -15.05 -1.88
CA LEU A 27 32.11 -15.27 -0.98
C LEU A 27 31.20 -16.29 -1.59
N THR A 28 30.61 -17.13 -0.76
CA THR A 28 29.66 -18.11 -1.27
C THR A 28 28.35 -17.34 -1.51
N LYS A 29 27.42 -17.97 -2.21
CA LYS A 29 26.14 -17.32 -2.47
C LYS A 29 25.41 -17.09 -1.13
N SER A 30 25.58 -18.03 -0.20
CA SER A 30 24.93 -17.92 1.11
C SER A 30 25.50 -16.73 1.89
N GLN A 31 26.81 -16.55 1.82
CA GLN A 31 27.41 -15.44 2.54
C GLN A 31 26.97 -14.12 1.93
N THR A 32 26.85 -14.09 0.61
CA THR A 32 26.43 -12.89 -0.10
C THR A 32 25.00 -12.54 0.30
N ASP A 33 24.14 -13.53 0.40
CA ASP A 33 22.76 -13.25 0.80
C ASP A 33 22.76 -12.62 2.20
N ARG A 34 23.55 -13.20 3.11
CA ARG A 34 23.65 -12.72 4.48
C ARG A 34 24.06 -11.25 4.50
N LEU A 35 25.09 -10.92 3.75
CA LEU A 35 25.56 -9.54 3.68
C LEU A 35 24.53 -8.60 3.03
N GLU A 36 23.77 -9.12 2.07
CA GLU A 36 22.76 -8.30 1.39
C GLU A 36 21.71 -7.92 2.41
N VAL A 37 21.34 -8.88 3.25
CA VAL A 37 20.37 -8.65 4.30
C VAL A 37 20.82 -7.48 5.18
N LEU A 38 22.12 -7.37 5.40
CA LEU A 38 22.68 -6.32 6.24
C LEU A 38 23.01 -5.06 5.46
N LEU A 39 22.86 -5.15 4.14
CA LEU A 39 23.19 -4.04 3.27
C LEU A 39 22.06 -3.03 3.17
N ASN A 40 22.40 -1.76 3.22
CA ASN A 40 21.40 -0.71 3.07
C ASN A 40 21.57 -0.07 1.69
N PRO A 41 20.46 0.34 1.07
CA PRO A 41 20.51 0.95 -0.27
C PRO A 41 21.61 2.01 -0.44
N LYS A 42 22.03 2.61 0.66
CA LYS A 42 23.07 3.65 0.58
C LYS A 42 24.49 3.24 0.97
N ASP A 43 24.73 1.96 1.23
CA ASP A 43 26.09 1.54 1.58
C ASP A 43 26.92 1.44 0.31
N GLU A 44 28.23 1.62 0.44
CA GLU A 44 29.13 1.53 -0.70
C GLU A 44 30.41 0.80 -0.31
N SER A 49 35.90 -5.57 -3.80
CA SER A 49 35.99 -6.85 -3.11
C SER A 49 37.31 -7.01 -2.34
N GLY A 50 37.56 -8.22 -1.85
CA GLY A 50 38.77 -8.49 -1.10
C GLY A 50 38.51 -9.09 0.27
N LYS A 51 38.42 -8.23 1.27
CA LYS A 51 38.19 -8.61 2.67
C LYS A 51 37.31 -9.87 2.86
N PRO A 52 37.61 -10.67 3.89
CA PRO A 52 36.86 -11.91 4.18
C PRO A 52 35.44 -11.67 4.70
N PHE A 53 34.57 -12.66 4.51
CA PHE A 53 33.18 -12.59 4.94
C PHE A 53 32.99 -12.09 6.37
N ARG A 54 33.66 -12.73 7.33
CA ARG A 54 33.53 -12.34 8.73
C ARG A 54 33.80 -10.87 8.97
N GLU A 55 34.74 -10.29 8.24
CA GLU A 55 35.06 -8.89 8.43
C GLU A 55 34.01 -7.98 7.80
N LEU A 56 33.57 -8.36 6.60
CA LEU A 56 32.53 -7.61 5.89
C LEU A 56 31.24 -7.62 6.73
N GLU A 57 30.96 -8.77 7.35
CA GLU A 57 29.76 -8.92 8.18
C GLU A 57 29.87 -8.10 9.44
N SER A 58 31.02 -8.13 10.08
CA SER A 58 31.24 -7.40 11.33
C SER A 58 31.11 -5.91 11.07
N GLU A 59 31.48 -5.50 9.86
CA GLU A 59 31.42 -4.11 9.46
C GLU A 59 29.98 -3.65 9.28
N LEU A 60 29.22 -4.46 8.55
CA LEU A 60 27.83 -4.16 8.30
C LEU A 60 27.02 -4.22 9.60
N LEU A 61 27.32 -5.19 10.45
CA LEU A 61 26.63 -5.33 11.73
C LEU A 61 26.77 -4.07 12.58
N SER A 62 27.99 -3.54 12.66
CA SER A 62 28.22 -2.33 13.47
C SER A 62 27.45 -1.15 12.90
N ARG A 63 27.44 -1.03 11.57
CA ARG A 63 26.71 0.05 10.91
C ARG A 63 25.22 -0.06 11.19
N ARG A 64 24.68 -1.27 11.05
CA ARG A 64 23.25 -1.48 11.27
C ARG A 64 22.83 -1.22 12.71
N LYS A 65 23.69 -1.59 13.66
CA LYS A 65 23.37 -1.34 15.06
C LYS A 65 23.35 0.18 15.30
N LYS A 66 24.30 0.89 14.70
CA LYS A 66 24.38 2.34 14.84
C LYS A 66 23.13 2.97 14.22
N ASP A 67 22.72 2.48 13.06
CA ASP A 67 21.51 3.00 12.43
C ASP A 67 20.31 2.88 13.41
N LEU A 68 20.14 1.69 13.97
CA LEU A 68 19.06 1.44 14.91
C LEU A 68 19.22 2.33 16.12
N GLN A 69 20.45 2.53 16.56
CA GLN A 69 20.70 3.38 17.73
C GLN A 69 20.29 4.81 17.43
N GLN A 70 20.56 5.29 16.22
CA GLN A 70 20.20 6.65 15.86
C GLN A 70 18.68 6.83 15.81
N ILE A 71 17.98 5.82 15.29
CA ILE A 71 16.52 5.87 15.23
C ILE A 71 15.95 5.91 16.65
N TYR A 72 16.44 5.02 17.51
CA TYR A 72 15.96 4.95 18.88
C TYR A 72 16.22 6.24 19.67
N ALA A 73 17.33 6.91 19.37
CA ALA A 73 17.70 8.14 20.05
C ALA A 73 16.94 9.35 19.55
N GLU A 74 16.65 9.37 18.24
CA GLU A 74 15.95 10.51 17.65
C GLU A 74 14.49 10.22 17.27
N GLU A 75 14.27 9.88 16.02
CA GLU A 75 12.92 9.58 15.49
C GLU A 75 12.02 8.71 16.37
N ARG A 76 12.22 7.40 16.27
CA ARG A 76 11.46 6.40 17.00
C ARG A 76 10.14 6.02 16.33
N GLU A 77 9.90 6.61 15.17
CA GLU A 77 8.68 6.31 14.45
C GLU A 77 8.89 5.23 13.40
N ASN A 78 7.89 4.37 13.29
CA ASN A 78 7.96 3.30 12.31
C ASN A 78 7.61 3.84 10.93
N TYR A 79 8.33 3.40 9.90
CA TYR A 79 8.10 3.85 8.53
C TYR A 79 6.66 3.70 8.06
N LEU A 80 6.11 2.50 8.26
CA LEU A 80 4.75 2.20 7.82
C LEU A 80 3.73 3.01 8.60
N GLY A 81 3.92 3.13 9.91
CA GLY A 81 2.99 3.90 10.72
C GLY A 81 3.09 5.38 10.35
N LYS A 82 4.31 5.86 10.20
CA LYS A 82 4.55 7.24 9.85
C LYS A 82 3.99 7.60 8.45
N LEU A 83 4.14 6.70 7.48
CA LEU A 83 3.61 6.95 6.14
C LEU A 83 2.07 7.06 6.24
N GLU A 84 1.48 6.12 6.96
CA GLU A 84 0.03 6.17 7.15
C GLU A 84 -0.42 7.53 7.73
N ARG A 85 0.30 8.00 8.75
CA ARG A 85 -0.07 9.28 9.35
C ARG A 85 0.07 10.45 8.37
N GLU A 86 1.14 10.41 7.57
CA GLU A 86 1.38 11.45 6.55
C GLU A 86 0.29 11.41 5.46
N ILE A 87 -0.08 10.21 5.01
CA ILE A 87 -1.09 10.10 3.99
C ILE A 87 -2.45 10.57 4.53
N THR A 88 -2.72 10.24 5.79
CA THR A 88 -3.96 10.63 6.45
C THR A 88 -4.10 12.15 6.52
N ARG A 89 -3.03 12.82 6.92
CA ARG A 89 -3.06 14.27 7.02
C ARG A 89 -3.31 14.85 5.64
N PHE A 90 -2.68 14.25 4.63
CA PHE A 90 -2.83 14.72 3.26
C PHE A 90 -4.29 14.65 2.79
N PHE A 91 -4.95 13.51 3.01
CA PHE A 91 -6.33 13.41 2.56
C PHE A 91 -7.32 14.15 3.43
N VAL A 92 -7.10 14.14 4.73
CA VAL A 92 -7.99 14.87 5.61
C VAL A 92 -7.97 16.36 5.25
N ASP A 93 -6.77 16.90 5.00
CA ASP A 93 -6.61 18.31 4.66
C ASP A 93 -7.28 18.67 3.33
N ARG A 94 -7.40 17.68 2.45
CA ARG A 94 -8.02 17.93 1.16
C ARG A 94 -9.51 17.59 1.14
N GLY A 95 -10.12 17.48 2.31
CA GLY A 95 -11.55 17.22 2.39
C GLY A 95 -12.06 15.80 2.43
N PHE A 96 -11.18 14.80 2.58
CA PHE A 96 -11.66 13.42 2.63
C PHE A 96 -11.87 12.96 4.09
N LEU A 97 -12.97 12.27 4.34
CA LEU A 97 -13.32 11.76 5.66
C LEU A 97 -12.51 10.49 5.92
N GLU A 98 -11.88 10.41 7.09
CA GLU A 98 -11.07 9.23 7.45
C GLU A 98 -11.94 8.07 7.94
N ILE A 99 -11.85 6.94 7.25
CA ILE A 99 -12.63 5.75 7.58
C ILE A 99 -11.74 4.65 8.19
N LYS A 100 -12.27 3.93 9.18
CA LYS A 100 -11.60 2.77 9.80
C LYS A 100 -12.71 1.71 9.85
N SER A 101 -12.70 0.80 8.90
CA SER A 101 -13.72 -0.24 8.82
C SER A 101 -13.11 -1.59 9.14
N PRO A 102 -13.95 -2.63 9.30
CA PRO A 102 -13.45 -3.97 9.64
C PRO A 102 -12.46 -4.59 8.68
N ILE A 103 -11.52 -5.34 9.24
CA ILE A 103 -10.53 -6.01 8.42
C ILE A 103 -11.10 -7.40 8.14
N LEU A 104 -11.82 -7.93 9.12
CA LEU A 104 -12.46 -9.24 9.00
C LEU A 104 -13.85 -8.96 8.42
N ILE A 105 -14.08 -9.33 7.17
CA ILE A 105 -15.37 -9.06 6.54
C ILE A 105 -16.13 -10.31 6.11
N PRO A 106 -17.44 -10.16 5.84
CA PRO A 106 -18.23 -11.32 5.40
C PRO A 106 -17.72 -11.82 4.06
N LEU A 107 -17.65 -13.14 3.90
CA LEU A 107 -17.25 -13.72 2.62
C LEU A 107 -18.17 -13.21 1.49
N GLU A 108 -19.44 -12.97 1.84
CA GLU A 108 -20.41 -12.51 0.85
C GLU A 108 -19.93 -11.25 0.14
N TYR A 109 -19.19 -10.40 0.83
CA TYR A 109 -18.67 -9.16 0.23
C TYR A 109 -17.76 -9.46 -0.96
N ILE A 110 -17.01 -10.56 -0.86
CA ILE A 110 -16.10 -10.94 -1.92
C ILE A 110 -16.85 -11.38 -3.17
N GLU A 111 -17.89 -12.18 -2.96
CA GLU A 111 -18.71 -12.62 -4.08
C GLU A 111 -19.33 -11.37 -4.70
N ARG A 112 -19.84 -10.50 -3.85
CA ARG A 112 -20.48 -9.27 -4.28
C ARG A 112 -19.54 -8.32 -5.01
N MET A 113 -18.24 -8.56 -4.93
CA MET A 113 -17.28 -7.72 -5.62
C MET A 113 -17.04 -8.29 -7.01
N GLY A 114 -17.71 -9.40 -7.30
CA GLY A 114 -17.56 -10.03 -8.60
C GLY A 114 -16.39 -11.00 -8.67
N ILE A 115 -16.06 -11.62 -7.54
CA ILE A 115 -14.96 -12.57 -7.49
C ILE A 115 -15.50 -13.95 -7.10
N ASP A 116 -15.88 -14.73 -8.10
CA ASP A 116 -16.41 -16.06 -7.86
C ASP A 116 -15.32 -17.10 -8.12
N ASN A 117 -15.55 -18.31 -7.61
CA ASN A 117 -14.60 -19.41 -7.78
C ASN A 117 -14.07 -19.50 -9.20
N LEU A 121 -8.94 -16.07 -8.47
CA LEU A 121 -8.60 -15.10 -7.43
C LEU A 121 -9.32 -15.46 -6.14
N SER A 122 -10.41 -16.20 -6.27
CA SER A 122 -11.22 -16.62 -5.14
C SER A 122 -10.44 -17.43 -4.11
N LYS A 123 -9.37 -18.08 -4.52
CA LYS A 123 -8.59 -18.88 -3.59
C LYS A 123 -7.40 -18.11 -3.06
N GLN A 124 -7.26 -16.88 -3.53
CA GLN A 124 -6.19 -16.00 -3.06
C GLN A 124 -6.73 -15.33 -1.80
N ILE A 125 -7.94 -15.72 -1.40
CA ILE A 125 -8.59 -15.17 -0.22
C ILE A 125 -8.31 -15.97 1.03
N PHE A 126 -7.93 -15.28 2.11
CA PHE A 126 -7.68 -15.92 3.39
C PHE A 126 -9.03 -16.04 4.09
N ARG A 127 -9.53 -17.27 4.25
CA ARG A 127 -10.83 -17.47 4.90
C ARG A 127 -10.71 -17.68 6.40
N VAL A 128 -11.70 -17.17 7.13
CA VAL A 128 -11.74 -17.31 8.57
C VAL A 128 -13.12 -17.86 8.87
N ASP A 129 -13.17 -18.94 9.66
CA ASP A 129 -14.45 -19.56 10.01
C ASP A 129 -15.23 -19.92 8.76
N LYS A 130 -16.55 -20.02 8.91
CA LYS A 130 -17.40 -20.41 7.79
C LYS A 130 -17.93 -19.26 6.94
N ASN A 131 -18.08 -18.08 7.51
CA ASN A 131 -18.64 -16.96 6.77
C ASN A 131 -17.80 -15.71 6.59
N PHE A 132 -16.56 -15.73 7.06
CA PHE A 132 -15.72 -14.54 6.95
C PHE A 132 -14.39 -14.77 6.28
N CYS A 133 -13.69 -13.65 6.06
CA CYS A 133 -12.38 -13.68 5.45
C CYS A 133 -11.66 -12.41 5.84
N LEU A 134 -10.39 -12.37 5.47
CA LEU A 134 -9.55 -11.20 5.69
C LEU A 134 -9.74 -10.38 4.42
N ARG A 135 -10.15 -9.11 4.56
CA ARG A 135 -10.36 -8.26 3.39
C ARG A 135 -9.16 -8.27 2.46
N PRO A 136 -9.38 -8.56 1.17
CA PRO A 136 -8.25 -8.55 0.25
C PRO A 136 -8.17 -7.13 -0.35
N MET A 137 -9.22 -6.35 -0.13
CA MET A 137 -9.25 -4.97 -0.61
C MET A 137 -10.22 -4.13 0.23
N LEU A 138 -10.19 -2.82 0.00
CA LEU A 138 -11.01 -1.86 0.75
C LEU A 138 -12.34 -1.49 0.11
N ALA A 139 -12.49 -1.71 -1.19
CA ALA A 139 -13.70 -1.32 -1.91
C ALA A 139 -15.03 -1.64 -1.25
N PRO A 140 -15.22 -2.90 -0.80
CA PRO A 140 -16.49 -3.26 -0.15
C PRO A 140 -16.99 -2.32 0.95
N ASN A 141 -16.15 -2.06 1.96
CA ASN A 141 -16.57 -1.19 3.07
C ASN A 141 -16.68 0.25 2.60
N LEU A 142 -15.86 0.65 1.63
CA LEU A 142 -15.93 2.03 1.13
C LEU A 142 -17.24 2.22 0.36
N TYR A 143 -17.64 1.20 -0.41
CA TYR A 143 -18.90 1.24 -1.14
C TYR A 143 -20.01 1.46 -0.12
N ASN A 144 -20.00 0.65 0.94
CA ASN A 144 -21.01 0.79 2.00
C ASN A 144 -21.08 2.18 2.61
N TYR A 145 -19.92 2.77 2.88
CA TYR A 145 -19.88 4.11 3.45
C TYR A 145 -20.37 5.16 2.44
N LEU A 146 -20.02 5.02 1.17
CA LEU A 146 -20.48 5.99 0.17
C LEU A 146 -22.01 6.00 0.16
N ARG A 147 -22.61 4.81 0.16
CA ARG A 147 -24.06 4.70 0.14
C ARG A 147 -24.69 5.30 1.39
N LYS A 148 -24.18 4.93 2.55
CA LYS A 148 -24.73 5.47 3.78
C LYS A 148 -24.49 6.97 3.98
N LEU A 149 -23.28 7.43 3.71
CA LEU A 149 -22.98 8.85 3.91
C LEU A 149 -23.77 9.77 2.98
N ASP A 150 -24.12 9.27 1.80
CA ASP A 150 -24.87 10.08 0.83
C ASP A 150 -26.21 10.53 1.40
N ARG A 151 -26.70 9.85 2.42
CA ARG A 151 -27.97 10.22 3.05
C ARG A 151 -27.79 11.31 4.07
N ALA A 152 -26.54 11.75 4.29
CA ALA A 152 -26.28 12.77 5.29
C ALA A 152 -25.32 13.89 4.90
N LEU A 153 -24.39 13.60 4.00
CA LEU A 153 -23.37 14.56 3.65
C LEU A 153 -23.62 15.26 2.34
N PRO A 154 -23.16 16.52 2.23
CA PRO A 154 -23.35 17.24 0.98
C PRO A 154 -22.45 16.67 -0.11
N ASP A 155 -22.85 16.91 -1.35
CA ASP A 155 -22.11 16.45 -2.50
C ASP A 155 -20.94 17.41 -2.73
N PRO A 156 -19.75 16.88 -3.08
CA PRO A 156 -19.50 15.45 -3.27
C PRO A 156 -19.03 14.75 -1.99
N ILE A 157 -19.22 13.44 -1.95
CA ILE A 157 -18.78 12.66 -0.81
C ILE A 157 -17.36 12.17 -1.05
N LYS A 158 -16.45 12.57 -0.17
CA LYS A 158 -15.04 12.20 -0.27
C LYS A 158 -14.59 11.44 0.97
N ILE A 159 -14.12 10.22 0.77
CA ILE A 159 -13.67 9.38 1.89
C ILE A 159 -12.40 8.61 1.52
N PHE A 160 -11.72 8.06 2.53
CA PHE A 160 -10.51 7.26 2.32
C PHE A 160 -10.28 6.38 3.51
N GLU A 161 -9.58 5.27 3.28
CA GLU A 161 -9.22 4.40 4.36
C GLU A 161 -7.80 3.94 4.11
N ILE A 162 -7.09 3.67 5.20
CA ILE A 162 -5.75 3.13 5.10
C ILE A 162 -5.76 1.96 6.06
N GLY A 163 -5.35 0.79 5.59
CA GLY A 163 -5.31 -0.33 6.50
C GLY A 163 -4.87 -1.64 5.91
N PRO A 164 -4.73 -2.67 6.76
CA PRO A 164 -4.30 -4.02 6.36
C PRO A 164 -5.27 -4.68 5.38
N CYS A 165 -4.70 -5.34 4.37
CA CYS A 165 -5.41 -6.11 3.37
C CYS A 165 -4.59 -7.38 3.20
N TYR A 166 -5.24 -8.47 2.81
CA TYR A 166 -4.59 -9.76 2.70
C TYR A 166 -4.91 -10.54 1.44
N ARG A 167 -3.87 -11.10 0.82
CA ARG A 167 -4.01 -11.91 -0.39
C ARG A 167 -2.89 -12.95 -0.47
N LYS A 168 -3.26 -14.23 -0.59
CA LYS A 168 -2.27 -15.29 -0.73
C LYS A 168 -1.54 -14.96 -2.03
N GLU A 169 -0.20 -14.95 -1.97
CA GLU A 169 0.58 -14.56 -3.15
C GLU A 169 1.57 -15.58 -3.70
N SER A 170 2.27 -15.16 -4.76
CA SER A 170 3.25 -15.98 -5.44
C SER A 170 4.57 -15.23 -5.64
N ASP A 171 4.53 -14.13 -6.39
CA ASP A 171 5.72 -13.34 -6.66
C ASP A 171 6.15 -12.59 -5.41
N GLY A 172 6.92 -11.51 -5.59
CA GLY A 172 7.38 -10.73 -4.46
C GLY A 172 8.87 -10.51 -4.44
N GLU A 174 7.70 -7.85 -4.72
CA GLU A 174 6.55 -7.01 -5.05
C GLU A 174 5.24 -7.51 -4.41
N HIS A 175 5.20 -8.78 -4.03
CA HIS A 175 3.99 -9.34 -3.44
C HIS A 175 4.04 -9.86 -2.01
N LEU A 176 3.36 -9.14 -1.12
CA LEU A 176 3.27 -9.49 0.27
C LEU A 176 1.90 -10.12 0.42
N GLU A 177 1.74 -11.01 1.39
CA GLU A 177 0.44 -11.59 1.60
C GLU A 177 -0.30 -10.67 2.57
N GLU A 178 0.48 -9.97 3.38
CA GLU A 178 -0.07 -9.03 4.35
C GLU A 178 0.45 -7.66 3.95
N PHE A 179 -0.44 -6.77 3.50
CA PHE A 179 0.01 -5.45 3.09
C PHE A 179 -0.93 -4.35 3.59
N THR A 180 -0.61 -3.11 3.24
CA THR A 180 -1.40 -1.98 3.68
C THR A 180 -1.82 -1.17 2.48
N MET A 181 -3.11 -0.96 2.36
CA MET A 181 -3.67 -0.20 1.25
C MET A 181 -4.20 1.15 1.69
N LEU A 182 -4.06 2.10 0.78
CA LEU A 182 -4.64 3.42 0.94
C LEU A 182 -5.65 3.39 -0.20
N ASN A 183 -6.91 3.65 0.10
CA ASN A 183 -7.93 3.74 -0.95
C ASN A 183 -8.72 5.00 -0.67
N PHE A 184 -8.76 5.91 -1.63
CA PHE A 184 -9.56 7.12 -1.46
C PHE A 184 -10.60 7.15 -2.59
N CYS A 185 -11.72 7.83 -2.35
CA CYS A 185 -12.70 7.95 -3.41
C CYS A 185 -13.61 9.12 -3.22
N GLN A 186 -14.10 9.61 -4.35
CA GLN A 186 -15.02 10.72 -4.38
C GLN A 186 -16.23 10.27 -5.20
N MET A 187 -17.41 10.65 -4.73
CA MET A 187 -18.64 10.30 -5.41
C MET A 187 -19.53 11.55 -5.57
N GLY A 188 -20.16 11.68 -6.74
CA GLY A 188 -21.04 12.83 -7.00
C GLY A 188 -20.43 13.77 -8.04
N SER A 189 -20.44 15.07 -7.77
CA SER A 189 -19.87 16.01 -8.71
C SER A 189 -18.34 15.95 -8.68
N GLY A 190 -17.72 16.52 -9.72
CA GLY A 190 -16.26 16.55 -9.81
C GLY A 190 -15.58 15.22 -10.07
N CYS A 191 -16.33 14.18 -10.35
CA CYS A 191 -15.71 12.88 -10.58
C CYS A 191 -15.27 12.64 -11.99
N THR A 192 -14.25 13.37 -12.38
CA THR A 192 -13.69 13.24 -13.72
C THR A 192 -12.31 12.62 -13.70
N ARG A 193 -11.88 12.10 -14.84
CA ARG A 193 -10.57 11.52 -14.95
C ARG A 193 -9.52 12.59 -14.68
N GLU A 194 -9.80 13.81 -15.10
CA GLU A 194 -8.87 14.91 -14.89
C GLU A 194 -8.67 15.17 -13.40
N ASN A 195 -9.76 15.23 -12.64
CA ASN A 195 -9.66 15.50 -11.21
C ASN A 195 -8.94 14.33 -10.52
N LEU A 196 -9.21 13.11 -10.98
CA LEU A 196 -8.57 11.93 -10.40
C LEU A 196 -7.07 11.97 -10.62
N GLU A 197 -6.66 12.36 -11.82
CA GLU A 197 -5.23 12.43 -12.13
C GLU A 197 -4.57 13.52 -11.32
N SER A 198 -5.31 14.61 -11.12
CA SER A 198 -4.80 15.73 -10.34
C SER A 198 -4.53 15.31 -8.89
N ILE A 199 -5.45 14.54 -8.30
CA ILE A 199 -5.26 14.10 -6.91
C ILE A 199 -4.05 13.19 -6.81
N ILE A 200 -4.00 12.21 -7.72
CA ILE A 200 -2.90 11.27 -7.78
C ILE A 200 -1.58 12.02 -7.92
N THR A 201 -1.55 13.00 -8.82
CA THR A 201 -0.34 13.75 -9.07
C THR A 201 0.12 14.54 -7.85
N ASP A 202 -0.79 15.30 -7.24
CA ASP A 202 -0.43 16.06 -6.04
C ASP A 202 0.07 15.12 -4.93
N PHE A 203 -0.63 14.01 -4.76
CA PHE A 203 -0.31 13.01 -3.74
C PHE A 203 1.11 12.47 -3.88
N LEU A 204 1.44 11.92 -5.05
CA LEU A 204 2.76 11.38 -5.30
C LEU A 204 3.89 12.45 -5.33
N ASN A 205 3.60 13.64 -5.82
CA ASN A 205 4.63 14.68 -5.83
C ASN A 205 4.85 15.11 -4.39
N HIS A 206 3.78 15.01 -3.60
CA HIS A 206 3.86 15.33 -2.19
C HIS A 206 4.79 14.33 -1.46
N LEU A 207 4.64 13.05 -1.78
CA LEU A 207 5.43 12.01 -1.14
C LEU A 207 6.82 11.90 -1.74
N GLY A 208 7.01 12.55 -2.90
CA GLY A 208 8.30 12.51 -3.56
C GLY A 208 8.56 11.18 -4.22
N ILE A 209 7.57 10.65 -4.91
CA ILE A 209 7.65 9.36 -5.60
C ILE A 209 7.43 9.59 -7.10
N ASP A 210 8.38 9.17 -7.92
CA ASP A 210 8.28 9.36 -9.35
C ASP A 210 7.22 8.42 -9.91
N PHE A 211 6.48 8.88 -10.93
CA PHE A 211 5.42 8.04 -11.49
C PHE A 211 5.01 8.47 -12.89
N LYS A 212 4.16 7.66 -13.48
CA LYS A 212 3.64 7.92 -14.80
C LYS A 212 2.22 7.35 -14.84
N ILE A 213 1.26 8.14 -15.32
CA ILE A 213 -0.11 7.65 -15.43
C ILE A 213 -0.27 7.04 -16.82
N VAL A 214 -0.87 5.86 -16.91
CA VAL A 214 -1.07 5.22 -18.20
C VAL A 214 -2.48 4.66 -18.36
N GLY A 215 -3.07 4.95 -19.53
CA GLY A 215 -4.40 4.50 -19.87
C GLY A 215 -4.58 4.76 -21.35
N ASP A 216 -5.82 4.89 -21.82
CA ASP A 216 -6.02 5.16 -23.24
C ASP A 216 -7.16 6.17 -23.44
N TYR A 221 -15.76 7.75 -19.30
CA TYR A 221 -15.44 7.18 -18.00
C TYR A 221 -15.43 5.65 -18.01
N GLY A 222 -15.68 5.04 -16.85
CA GLY A 222 -15.65 3.59 -16.77
C GLY A 222 -14.19 3.20 -17.01
N ASP A 223 -13.36 4.24 -16.97
CA ASP A 223 -11.92 4.18 -17.21
C ASP A 223 -11.08 3.54 -16.09
N THR A 224 -9.93 2.99 -16.47
CA THR A 224 -9.00 2.38 -15.51
C THR A 224 -7.60 2.90 -15.83
N LEU A 225 -7.02 3.61 -14.87
CA LEU A 225 -5.68 4.17 -15.03
C LEU A 225 -4.68 3.39 -14.20
N ASP A 226 -3.49 3.20 -14.75
CA ASP A 226 -2.44 2.51 -14.03
C ASP A 226 -1.38 3.52 -13.70
N VAL A 227 -1.09 3.67 -12.41
CA VAL A 227 -0.04 4.60 -12.01
C VAL A 227 1.21 3.73 -11.84
N MET A 228 2.19 3.97 -12.70
CA MET A 228 3.40 3.18 -12.71
C MET A 228 4.66 3.90 -12.27
N HIS A 229 5.56 3.13 -11.68
CA HIS A 229 6.89 3.61 -11.31
C HIS A 229 7.75 2.59 -12.05
N GLY A 230 8.25 3.00 -13.22
CA GLY A 230 9.03 2.07 -14.01
C GLY A 230 8.10 0.94 -14.37
N ASP A 231 8.47 -0.29 -14.05
CA ASP A 231 7.63 -1.45 -14.36
C ASP A 231 6.75 -1.83 -13.17
N LEU A 232 6.89 -1.11 -12.06
CA LEU A 232 6.11 -1.38 -10.86
C LEU A 232 4.78 -0.63 -10.80
N GLU A 233 3.69 -1.37 -10.62
CA GLU A 233 2.38 -0.74 -10.51
C GLU A 233 2.19 -0.18 -9.09
N LEU A 234 2.02 1.13 -9.02
CA LEU A 234 1.82 1.81 -7.76
C LEU A 234 0.34 1.79 -7.45
N SER A 235 -0.48 1.94 -8.48
CA SER A 235 -1.92 1.97 -8.30
C SER A 235 -2.72 1.72 -9.56
N SER A 236 -3.86 1.06 -9.39
CA SER A 236 -4.77 0.83 -10.49
C SER A 236 -5.96 1.69 -10.08
N ALA A 237 -6.14 2.81 -10.75
CA ALA A 237 -7.20 3.74 -10.41
C ALA A 237 -8.39 3.59 -11.36
N VAL A 238 -9.57 3.98 -10.90
CA VAL A 238 -10.74 3.89 -11.76
C VAL A 238 -11.66 5.10 -11.72
N VAL A 239 -12.24 5.39 -12.88
CA VAL A 239 -13.18 6.46 -13.03
C VAL A 239 -14.50 5.76 -13.22
N GLY A 240 -15.40 5.90 -12.26
CA GLY A 240 -16.71 5.27 -12.39
C GLY A 240 -17.62 6.14 -13.23
N PRO A 241 -18.90 5.79 -13.36
CA PRO A 241 -19.48 4.61 -12.73
C PRO A 241 -19.12 3.34 -13.47
N ILE A 242 -19.33 2.20 -12.80
CA ILE A 242 -19.05 0.90 -13.38
C ILE A 242 -20.22 0.01 -13.03
N PRO A 243 -20.46 -1.02 -13.84
CA PRO A 243 -21.57 -1.95 -13.61
C PRO A 243 -21.64 -2.49 -12.19
N LEU A 244 -20.49 -2.71 -11.56
CA LEU A 244 -20.48 -3.24 -10.20
C LEU A 244 -21.22 -2.34 -9.20
N ASP A 245 -21.15 -1.03 -9.41
CA ASP A 245 -21.80 -0.09 -8.49
C ASP A 245 -23.21 -0.47 -8.04
N ARG A 246 -24.02 -0.95 -8.98
CA ARG A 246 -25.40 -1.30 -8.70
C ARG A 246 -25.54 -2.33 -7.58
N GLU A 247 -24.64 -3.30 -7.57
CA GLU A 247 -24.67 -4.32 -6.55
C GLU A 247 -24.47 -3.74 -5.15
N TRP A 248 -23.97 -2.51 -5.08
CA TRP A 248 -23.74 -1.88 -3.78
C TRP A 248 -24.69 -0.71 -3.48
N GLY A 249 -25.70 -0.51 -4.33
CA GLY A 249 -26.65 0.57 -4.07
C GLY A 249 -26.08 1.95 -4.40
N ILE A 250 -25.05 1.98 -5.23
CA ILE A 250 -24.40 3.21 -5.64
C ILE A 250 -24.87 3.52 -7.06
N ASP A 251 -25.33 4.75 -7.30
CA ASP A 251 -25.81 5.13 -8.62
C ASP A 251 -25.21 6.43 -9.15
N LYS A 252 -24.21 6.97 -8.46
CA LYS A 252 -23.61 8.22 -8.90
C LYS A 252 -22.24 8.01 -9.50
N PRO A 253 -21.74 9.03 -10.21
CA PRO A 253 -20.40 8.83 -10.77
C PRO A 253 -19.41 8.91 -9.59
N TRP A 254 -18.23 8.37 -9.78
CA TRP A 254 -17.22 8.41 -8.72
C TRP A 254 -15.85 8.19 -9.30
N ILE A 255 -14.82 8.54 -8.52
CA ILE A 255 -13.43 8.32 -8.93
C ILE A 255 -12.70 7.77 -7.71
N GLY A 256 -11.73 6.90 -7.94
CA GLY A 256 -11.00 6.34 -6.82
C GLY A 256 -9.69 5.70 -7.22
N ALA A 257 -8.83 5.46 -6.24
CA ALA A 257 -7.53 4.83 -6.49
C ALA A 257 -7.05 4.13 -5.22
N GLY A 258 -6.32 3.04 -5.41
CA GLY A 258 -5.77 2.27 -4.31
C GLY A 258 -4.26 2.16 -4.46
N PHE A 259 -3.53 2.48 -3.39
CA PHE A 259 -2.07 2.41 -3.38
C PHE A 259 -1.58 1.50 -2.25
N GLY A 260 -0.60 0.65 -2.53
CA GLY A 260 -0.05 -0.18 -1.49
C GLY A 260 1.03 0.62 -0.78
N LEU A 261 0.93 0.78 0.53
CA LEU A 261 1.94 1.55 1.27
C LEU A 261 3.35 0.95 1.26
N GLU A 262 3.47 -0.38 1.35
CA GLU A 262 4.80 -1.00 1.32
C GLU A 262 5.50 -0.72 -0.01
N ARG A 263 4.73 -0.70 -1.10
CA ARG A 263 5.32 -0.40 -2.41
C ARG A 263 5.84 1.02 -2.45
N LEU A 264 5.05 1.96 -1.93
CA LEU A 264 5.49 3.36 -1.89
C LEU A 264 6.80 3.42 -1.10
N LEU A 265 6.84 2.77 0.06
CA LEU A 265 8.06 2.77 0.87
C LEU A 265 9.24 2.13 0.12
N LYS A 266 8.98 1.02 -0.54
CA LYS A 266 10.01 0.33 -1.31
C LYS A 266 10.62 1.29 -2.34
N VAL A 267 9.77 1.95 -3.11
CA VAL A 267 10.27 2.90 -4.11
C VAL A 267 10.96 4.05 -3.40
N LYS A 268 10.29 4.61 -2.42
CA LYS A 268 10.83 5.75 -1.69
C LYS A 268 12.20 5.49 -1.05
N HIS A 269 12.39 4.33 -0.45
CA HIS A 269 13.65 4.06 0.20
C HIS A 269 14.59 3.22 -0.61
N ASP A 270 14.19 2.97 -1.86
CA ASP A 270 15.01 2.21 -2.77
C ASP A 270 15.34 0.82 -2.21
N PHE A 271 14.37 0.16 -1.58
CA PHE A 271 14.58 -1.17 -1.04
C PHE A 271 14.57 -2.14 -2.21
N LYS A 272 15.45 -3.12 -2.20
CA LYS A 272 15.51 -4.08 -3.30
C LYS A 272 14.34 -5.05 -3.22
N ASN A 273 13.94 -5.42 -2.01
CA ASN A 273 12.84 -6.33 -1.82
C ASN A 273 11.80 -5.67 -0.92
N ILE A 274 10.54 -5.77 -1.32
CA ILE A 274 9.44 -5.17 -0.60
C ILE A 274 9.26 -5.67 0.84
N LYS A 275 9.78 -6.86 1.15
CA LYS A 275 9.67 -7.36 2.52
C LYS A 275 10.36 -6.47 3.55
N ARG A 276 11.25 -5.58 3.10
CA ARG A 276 11.92 -4.64 4.00
C ARG A 276 11.00 -3.53 4.48
N ALA A 277 9.85 -3.42 3.81
CA ALA A 277 8.86 -2.39 4.14
C ALA A 277 7.65 -2.96 4.84
N ALA A 278 7.52 -4.29 4.86
CA ALA A 278 6.36 -4.93 5.47
C ALA A 278 6.38 -5.02 6.99
N ARG A 279 5.19 -5.25 7.56
CA ARG A 279 5.05 -5.48 8.98
C ARG A 279 5.94 -6.71 9.09
N SER A 280 6.82 -6.73 10.06
CA SER A 280 7.75 -7.85 10.14
C SER A 280 8.49 -7.85 11.46
N GLY A 281 9.12 -8.99 11.74
CA GLY A 281 9.92 -9.14 12.94
C GLY A 281 11.38 -9.12 12.46
N SER A 282 11.55 -9.18 11.13
CA SER A 282 12.85 -9.23 10.45
C SER A 282 13.51 -7.90 10.01
N TYR A 283 12.74 -6.84 9.90
CA TYR A 283 13.29 -5.54 9.54
C TYR A 283 12.61 -4.43 10.32
N TYR A 284 13.36 -3.39 10.68
CA TYR A 284 12.79 -2.23 11.36
C TYR A 284 13.24 -1.05 10.50
N ASN A 285 12.27 -0.39 9.87
CA ASN A 285 12.53 0.72 8.96
C ASN A 285 13.63 0.34 7.96
N GLY A 286 13.48 -0.85 7.38
CA GLY A 286 14.45 -1.31 6.40
C GLY A 286 15.77 -1.83 6.95
N ILE A 287 15.93 -1.84 8.27
CA ILE A 287 17.17 -2.31 8.89
C ILE A 287 16.95 -3.70 9.48
N SER A 288 17.84 -4.63 9.14
CA SER A 288 17.73 -6.00 9.65
C SER A 288 17.77 -6.02 11.17
N THR A 289 16.87 -6.80 11.77
CA THR A 289 16.82 -6.93 13.22
C THR A 289 17.53 -8.21 13.65
N ASN A 290 18.19 -8.88 12.70
CA ASN A 290 18.93 -10.11 12.99
C ASN A 290 20.40 -9.73 12.99
N LEU A 291 20.78 -9.04 14.07
CA LEU A 291 22.11 -8.52 14.24
C LEU A 291 22.97 -9.35 15.21
P1 2PN B . 2.50 -5.91 -9.97
O1 2PN B . 3.06 -7.37 -10.35
O2 2PN B . 1.58 -5.44 -11.21
O3 2PN B . 3.60 -4.95 -9.71
N1 2PN B . 1.50 -6.11 -8.71
P2 2PN B . 0.00 -6.50 -9.21
O4 2PN B . 0.17 -7.55 -10.41
O5 2PN B . -0.67 -7.29 -7.98
O6 2PN B . -0.78 -5.30 -9.61
C4 AYB C . 0.05 -4.64 -3.14
C5 AYB C . -0.22 -5.99 -3.11
C6 AYB C . 0.72 -6.83 -2.52
C8 AYB C . -1.87 -4.99 -4.06
N1 AYB C . 1.84 -6.31 -2.01
N3 AYB C . 1.19 -4.18 -2.62
CAA AYB C . -16.11 3.32 -4.62
CAJ AYB C . -15.26 2.38 -4.05
CAO AYB C . -14.78 1.33 -4.82
OAW AYB C . -13.45 1.64 -5.29
CBA AYB C . -13.04 0.68 -6.16
OAD AYB C . -13.81 -0.25 -6.43
NAV AYB C . -11.84 0.79 -6.72
CAP AYB C . -10.94 1.92 -6.44
CAM AYB C . -9.67 1.75 -7.29
CAN AYB C . -8.51 1.28 -6.40
CB AYB C . -7.93 -0.08 -6.80
CA AYB C . -8.19 -1.16 -5.76
N AYB C . -8.08 -0.59 -4.40
C AYB C . -7.21 -2.32 -5.90
O AYB C . -7.11 -3.17 -5.02
OAY AYB C . -6.48 -2.32 -7.05
PBL AYB C . -5.55 -3.63 -7.16
OAI AYB C . -6.13 -4.72 -6.34
OAF AYB C . -4.79 -3.96 -8.53
O5' AYB C . -4.37 -3.18 -6.15
C5' AYB C . -4.03 -1.80 -6.06
C4' AYB C . -2.66 -1.63 -5.40
O4' AYB C . -2.56 -2.32 -4.14
C3' AYB C . -1.57 -2.32 -6.23
O3' AYB C . -1.34 -1.54 -7.41
C2' AYB C . -0.45 -2.11 -5.21
O2' AYB C . -0.15 -0.73 -5.07
C1' AYB C . -1.15 -2.59 -3.93
N9 AYB C . -0.99 -4.04 -3.73
N7 AYB C . -1.41 -6.18 -3.68
C2 AYB C . 2.06 -5.01 -2.07
N6 AYB C . 0.49 -8.14 -2.45
#